data_8GF1
#
_entry.id   8GF1
#
_cell.length_a   177.498
_cell.length_b   177.498
_cell.length_c   177.498
_cell.angle_alpha   90.000
_cell.angle_beta   90.000
_cell.angle_gamma   90.000
#
_symmetry.space_group_name_H-M   'I 2 3'
#
loop_
_entity.id
_entity.type
_entity.pdbx_description
1 polymer 'Lytic transglycosylase domain-containing protein'
2 non-polymer '[(2S)-1,4-dioxan-2-yl]methyl 2-acetamido-2-deoxy-beta-D-glucopyranoside'
3 non-polymer 'CITRIC ACID'
4 non-polymer 'DIMETHYL SULFOXIDE'
5 water water
#
_entity_poly.entity_id   1
_entity_poly.type   'polypeptide(L)'
_entity_poly.pdbx_seq_one_letter_code
;MGSSHHHHHHSSGLVPRGSHMQYSIEKLKKEENSLAKDYYIYRLLEKNKISKKDAQDLNSHIFRYIGKIKSELEKIIPLK
PYINPKYAKCYTYTANTILDANLTCQSVRLNSLVFIASLNSKDRTTLAQTFKNQRPDLTNLLLAFNTSDPMSYIVQKEDI
NGFFKLYNYSKKYDLDLNTSLVNKLPNHIGFKDFAQNIIIKKENPKFRHSMLEINPENVSEDSAFYLGVNALTYDKTELA
YDFFKKAAQSFKSQSNKDNAIFWMWLIKNNEEDLKTLSQSSSLNIYSLYAKELTNTPFPKIESLNPSKKKNNFNMQDPFA
WQKINKQIRDANASQLDVLAKEFDTQETLPIYAYILERKNNFKKHYFIMPYYDNIKDYNKTRQALILAIARQESRFIPTA
ISVSYALGMMQFMPFLANHIGEKELKIPNFDQDFMFKPEIAYYFGNYHLNYLESRLKSPLFVAYAYNGGIGFTNRMLARN
DMFKTGKFEPFLSMELVPYQESRIYGKKVLANYIVYRHLLNDSIKISDIFENLIQNKANDLNKS
;
_entity_poly.pdbx_strand_id   A
#
loop_
_chem_comp.id
_chem_comp.type
_chem_comp.name
_chem_comp.formula
CIT non-polymer 'CITRIC ACID' 'C6 H8 O7'
DMS non-polymer 'DIMETHYL SULFOXIDE' 'C2 H6 O S'
UL6 non-polymer '[(2S)-1,4-dioxan-2-yl]methyl 2-acetamido-2-deoxy-beta-D-glucopyranoside' 'C13 H23 N O8'
#
# COMPACT_ATOMS: atom_id res chain seq x y z
N GLN A 22 6.94 -30.17 -8.48
CA GLN A 22 6.23 -29.16 -9.32
C GLN A 22 5.10 -29.83 -10.11
N TYR A 23 4.14 -29.00 -10.55
CA TYR A 23 2.93 -29.42 -11.21
C TYR A 23 2.96 -29.00 -12.68
N SER A 24 2.50 -29.92 -13.54
CA SER A 24 2.28 -29.69 -14.95
C SER A 24 1.14 -28.68 -15.16
N ILE A 25 1.10 -28.04 -16.33
CA ILE A 25 0.04 -27.09 -16.64
C ILE A 25 -1.30 -27.81 -16.61
N GLU A 26 -1.35 -29.10 -16.99
CA GLU A 26 -2.60 -29.86 -17.03
C GLU A 26 -3.19 -29.98 -15.62
N LYS A 27 -2.34 -30.31 -14.64
CA LYS A 27 -2.72 -30.49 -13.25
C LYS A 27 -3.13 -29.14 -12.63
N LEU A 28 -2.38 -28.06 -12.95
CA LEU A 28 -2.73 -26.75 -12.43
C LEU A 28 -4.10 -26.32 -12.91
N LYS A 29 -4.40 -26.59 -14.18
CA LYS A 29 -5.65 -26.12 -14.77
C LYS A 29 -6.86 -26.69 -14.00
N LYS A 30 -6.69 -27.80 -13.27
CA LYS A 30 -7.76 -28.41 -12.49
C LYS A 30 -7.90 -27.80 -11.09
N GLU A 31 -6.94 -26.97 -10.67
CA GLU A 31 -7.11 -26.23 -9.42
C GLU A 31 -8.01 -25.02 -9.65
N GLU A 32 -8.68 -24.56 -8.59
CA GLU A 32 -9.43 -23.31 -8.65
C GLU A 32 -8.47 -22.16 -8.91
N ASN A 33 -8.95 -21.10 -9.58
CA ASN A 33 -8.15 -19.91 -9.83
C ASN A 33 -7.80 -19.29 -8.48
N SER A 34 -6.53 -18.89 -8.31
CA SER A 34 -6.08 -18.27 -7.06
C SER A 34 -4.69 -17.71 -7.28
N LEU A 35 -4.20 -16.91 -6.32
CA LEU A 35 -2.81 -16.48 -6.36
C LEU A 35 -1.83 -17.68 -6.32
N ALA A 36 -2.18 -18.80 -5.71
CA ALA A 36 -1.25 -19.94 -5.65
C ALA A 36 -1.15 -20.58 -7.04
N LYS A 37 -2.29 -20.72 -7.72
CA LYS A 37 -2.28 -21.22 -9.08
C LYS A 37 -1.52 -20.27 -9.98
N ASP A 38 -1.75 -18.96 -9.84
CA ASP A 38 -1.04 -17.96 -10.62
C ASP A 38 0.48 -18.08 -10.44
N TYR A 39 0.92 -18.17 -9.18
CA TYR A 39 2.33 -18.34 -8.84
C TYR A 39 2.93 -19.54 -9.59
N TYR A 40 2.27 -20.72 -9.53
CA TYR A 40 2.79 -21.91 -10.22
C TYR A 40 2.73 -21.84 -11.74
N ILE A 41 1.76 -21.12 -12.32
CA ILE A 41 1.79 -20.80 -13.75
C ILE A 41 2.94 -19.88 -14.09
N TYR A 42 3.20 -18.89 -13.23
CA TYR A 42 4.31 -18.01 -13.46
C TYR A 42 5.63 -18.78 -13.43
N ARG A 43 5.77 -19.74 -12.51
CA ARG A 43 7.01 -20.50 -12.45
C ARG A 43 7.23 -21.30 -13.73
N LEU A 44 6.17 -21.83 -14.34
CA LEU A 44 6.29 -22.51 -15.63
C LEU A 44 6.71 -21.53 -16.72
N LEU A 45 6.11 -20.34 -16.77
CA LEU A 45 6.47 -19.34 -17.77
C LEU A 45 7.93 -18.94 -17.64
N GLU A 46 8.40 -18.72 -16.40
CA GLU A 46 9.78 -18.26 -16.26
C GLU A 46 10.77 -19.37 -16.63
N LYS A 47 10.41 -20.66 -16.55
CA LYS A 47 11.29 -21.74 -16.97
C LYS A 47 11.02 -22.18 -18.43
N ASN A 48 10.20 -21.41 -19.13
CA ASN A 48 9.95 -21.57 -20.58
C ASN A 48 9.22 -22.88 -20.88
N LYS A 49 8.36 -23.32 -19.94
CA LYS A 49 7.71 -24.61 -20.05
C LYS A 49 6.27 -24.48 -20.56
N ILE A 50 5.81 -23.28 -20.89
CA ILE A 50 4.48 -23.06 -21.45
C ILE A 50 4.65 -22.79 -22.97
N SER A 51 4.14 -23.73 -23.74
CA SER A 51 4.15 -23.66 -25.21
C SER A 51 3.10 -22.67 -25.68
N LYS A 52 3.28 -22.16 -26.90
CA LYS A 52 2.28 -21.34 -27.54
C LYS A 52 0.91 -22.03 -27.55
N LYS A 53 0.87 -23.35 -27.71
CA LYS A 53 -0.40 -24.08 -27.64
C LYS A 53 -1.00 -24.12 -26.24
N ASP A 54 -0.16 -24.35 -25.22
CA ASP A 54 -0.62 -24.38 -23.83
C ASP A 54 -1.18 -23.00 -23.47
N ALA A 55 -0.59 -21.96 -24.03
CA ALA A 55 -0.92 -20.60 -23.69
C ALA A 55 -2.28 -20.15 -24.24
N GLN A 56 -2.90 -20.91 -25.17
CA GLN A 56 -4.09 -20.41 -25.87
C GLN A 56 -5.21 -20.05 -24.89
N ASP A 57 -5.56 -20.94 -23.97
CA ASP A 57 -6.73 -20.64 -23.14
C ASP A 57 -6.38 -20.01 -21.79
N LEU A 58 -5.16 -19.49 -21.62
CA LEU A 58 -4.58 -19.50 -20.27
C LEU A 58 -5.06 -18.33 -19.41
N ASN A 59 -5.32 -17.14 -20.00
CA ASN A 59 -5.86 -15.97 -19.29
C ASN A 59 -7.12 -16.33 -18.45
N SER A 60 -7.95 -17.28 -18.89
CA SER A 60 -9.09 -17.76 -18.11
C SER A 60 -8.68 -18.58 -16.88
N HIS A 61 -7.41 -19.01 -16.82
CA HIS A 61 -6.88 -19.78 -15.69
C HIS A 61 -6.10 -18.90 -14.71
N ILE A 62 -6.08 -17.60 -14.96
CA ILE A 62 -5.29 -16.67 -14.20
C ILE A 62 -6.21 -15.79 -13.33
N PHE A 63 -5.96 -15.80 -12.02
CA PHE A 63 -6.81 -15.17 -11.01
C PHE A 63 -6.58 -13.67 -11.08
N ARG A 64 -5.32 -13.23 -11.15
CA ARG A 64 -5.01 -11.82 -11.16
C ARG A 64 -4.04 -11.51 -12.30
N TYR A 65 -4.63 -11.03 -13.41
CA TYR A 65 -3.91 -10.94 -14.68
C TYR A 65 -3.26 -9.58 -14.79
N ILE A 66 -2.26 -9.39 -13.93
CA ILE A 66 -1.61 -8.10 -13.77
C ILE A 66 -0.12 -8.34 -13.52
N GLY A 67 0.72 -7.45 -14.05
CA GLY A 67 2.14 -7.46 -13.74
C GLY A 67 2.88 -8.54 -14.54
N LYS A 68 3.85 -9.18 -13.87
CA LYS A 68 4.82 -10.06 -14.48
C LYS A 68 4.14 -11.23 -15.20
N ILE A 69 3.10 -11.84 -14.61
CA ILE A 69 2.47 -12.98 -15.28
C ILE A 69 1.85 -12.54 -16.62
N LYS A 70 1.27 -11.33 -16.66
CA LYS A 70 0.66 -10.78 -17.88
C LYS A 70 1.74 -10.46 -18.89
N SER A 71 2.85 -9.87 -18.47
CA SER A 71 3.88 -9.52 -19.44
C SER A 71 4.61 -10.77 -19.96
N GLU A 72 4.79 -11.83 -19.14
CA GLU A 72 5.35 -13.09 -19.61
C GLU A 72 4.41 -13.80 -20.60
N LEU A 73 3.12 -13.83 -20.26
CA LEU A 73 2.19 -14.51 -21.14
C LEU A 73 2.17 -13.80 -22.49
N GLU A 74 2.30 -12.46 -22.48
CA GLU A 74 2.10 -11.65 -23.67
C GLU A 74 3.33 -11.74 -24.57
N LYS A 75 4.47 -12.19 -24.03
CA LYS A 75 5.62 -12.54 -24.87
C LYS A 75 5.33 -13.79 -25.70
N ILE A 76 4.43 -14.66 -25.25
CA ILE A 76 4.05 -15.86 -26.00
C ILE A 76 2.86 -15.56 -26.93
N ILE A 77 1.79 -14.92 -26.42
CA ILE A 77 0.64 -14.52 -27.23
C ILE A 77 0.35 -13.03 -27.00
N PRO A 78 0.80 -12.07 -27.84
CA PRO A 78 0.41 -10.66 -27.65
C PRO A 78 -1.11 -10.51 -27.51
N LEU A 79 -1.61 -9.57 -26.69
CA LEU A 79 -3.05 -9.33 -26.74
C LEU A 79 -3.31 -8.09 -27.61
N LYS A 80 -4.27 -8.30 -28.53
CA LYS A 80 -4.75 -7.30 -29.47
C LYS A 80 -5.53 -6.27 -28.63
N PRO A 81 -6.77 -6.60 -28.19
CA PRO A 81 -7.82 -5.58 -28.00
C PRO A 81 -7.41 -4.36 -27.17
N TYR A 82 -8.37 -3.71 -26.49
CA TYR A 82 -9.77 -3.73 -26.87
C TYR A 82 -10.05 -2.39 -27.52
N ILE A 83 -10.74 -2.45 -28.66
CA ILE A 83 -11.41 -1.27 -29.19
C ILE A 83 -12.88 -1.65 -29.33
N ASN A 84 -13.70 -0.98 -28.51
CA ASN A 84 -15.14 -1.05 -28.63
C ASN A 84 -15.49 -0.97 -30.13
N PRO A 85 -16.04 -2.04 -30.75
CA PRO A 85 -16.33 -2.09 -32.19
C PRO A 85 -17.23 -0.97 -32.72
N LYS A 86 -18.04 -0.40 -31.81
CA LYS A 86 -18.85 0.78 -32.09
C LYS A 86 -18.00 1.97 -32.55
N TYR A 87 -16.76 2.09 -32.01
CA TYR A 87 -15.85 3.21 -32.33
C TYR A 87 -14.63 2.81 -33.16
N ALA A 88 -14.59 1.58 -33.71
CA ALA A 88 -13.40 1.12 -34.41
C ALA A 88 -12.98 2.13 -35.46
N LYS A 89 -13.94 2.63 -36.23
CA LYS A 89 -13.64 3.48 -37.36
C LYS A 89 -12.99 4.78 -36.91
N CYS A 90 -13.27 5.20 -35.66
CA CYS A 90 -12.76 6.44 -35.11
C CYS A 90 -11.24 6.36 -35.03
N TYR A 91 -10.68 5.15 -34.85
CA TYR A 91 -9.25 4.95 -34.68
C TYR A 91 -8.54 4.76 -36.01
N THR A 92 -9.23 4.92 -37.15
CA THR A 92 -8.60 4.93 -38.48
C THR A 92 -8.12 6.33 -38.86
N TYR A 93 -8.54 7.36 -38.11
CA TYR A 93 -8.13 8.73 -38.38
C TYR A 93 -6.86 9.04 -37.57
N THR A 94 -6.11 10.01 -38.06
CA THR A 94 -4.96 10.56 -37.34
C THR A 94 -5.19 12.05 -37.14
N ALA A 95 -4.23 12.72 -36.51
CA ALA A 95 -4.25 14.16 -36.38
C ALA A 95 -4.37 14.87 -37.71
N ASN A 96 -3.84 14.27 -38.80
CA ASN A 96 -3.89 14.87 -40.12
C ASN A 96 -5.26 14.74 -40.77
N THR A 97 -6.10 13.77 -40.34
CA THR A 97 -7.36 13.53 -41.06
C THR A 97 -8.62 13.67 -40.18
N ILE A 98 -8.47 14.13 -38.93
CA ILE A 98 -9.58 14.09 -38.00
C ILE A 98 -10.70 15.06 -38.41
N LEU A 99 -10.39 16.13 -39.18
CA LEU A 99 -11.45 17.02 -39.64
C LEU A 99 -12.37 16.34 -40.68
N ASP A 100 -12.00 15.15 -41.17
CA ASP A 100 -12.81 14.35 -42.08
C ASP A 100 -13.71 13.41 -41.31
N ALA A 101 -13.48 13.26 -40.00
CA ALA A 101 -14.25 12.30 -39.22
C ALA A 101 -15.60 12.91 -38.85
N ASN A 102 -16.58 12.04 -38.64
CA ASN A 102 -17.89 12.47 -38.17
C ASN A 102 -17.71 13.03 -36.77
N LEU A 103 -18.75 13.69 -36.25
CA LEU A 103 -18.68 14.39 -34.99
C LEU A 103 -18.48 13.45 -33.81
N THR A 104 -19.10 12.27 -33.83
CA THR A 104 -18.91 11.32 -32.76
C THR A 104 -17.44 10.88 -32.70
N CYS A 105 -16.83 10.63 -33.87
CA CYS A 105 -15.43 10.21 -33.94
C CYS A 105 -14.51 11.35 -33.47
N GLN A 106 -14.78 12.59 -33.89
CA GLN A 106 -13.99 13.72 -33.40
C GLN A 106 -14.03 13.78 -31.87
N SER A 107 -15.21 13.64 -31.26
CA SER A 107 -15.25 13.82 -29.81
C SER A 107 -14.58 12.64 -29.06
N VAL A 108 -14.71 11.41 -29.55
CA VAL A 108 -14.03 10.25 -28.96
C VAL A 108 -12.49 10.45 -28.96
N ARG A 109 -11.89 10.85 -30.07
CA ARG A 109 -10.45 11.00 -30.20
C ARG A 109 -9.94 12.14 -29.32
N LEU A 110 -10.77 13.16 -29.05
CA LEU A 110 -10.41 14.27 -28.18
C LEU A 110 -10.49 13.95 -26.69
N ASN A 111 -10.86 12.72 -26.33
CA ASN A 111 -10.68 12.26 -24.96
C ASN A 111 -9.19 12.19 -24.58
N SER A 112 -8.28 12.10 -25.58
CA SER A 112 -6.83 11.97 -25.35
C SER A 112 -6.13 13.32 -25.43
N LEU A 113 -5.47 13.76 -24.34
CA LEU A 113 -4.75 15.02 -24.37
C LEU A 113 -3.51 14.96 -25.26
N VAL A 114 -2.84 13.82 -25.30
CA VAL A 114 -1.76 13.66 -26.26
C VAL A 114 -2.28 13.85 -27.70
N PHE A 115 -3.44 13.30 -28.00
CA PHE A 115 -4.05 13.52 -29.32
C PHE A 115 -4.26 15.02 -29.57
N ILE A 116 -4.87 15.73 -28.61
CA ILE A 116 -5.01 17.18 -28.68
C ILE A 116 -3.67 17.90 -28.89
N ALA A 117 -2.63 17.55 -28.11
CA ALA A 117 -1.31 18.16 -28.24
C ALA A 117 -0.73 17.99 -29.65
N SER A 118 -1.07 16.86 -30.29
CA SER A 118 -0.54 16.50 -31.62
C SER A 118 -1.21 17.29 -32.73
N LEU A 119 -2.37 17.92 -32.47
CA LEU A 119 -3.07 18.63 -33.54
C LEU A 119 -2.33 19.91 -33.87
N ASN A 120 -2.52 20.41 -35.10
CA ASN A 120 -2.05 21.75 -35.37
C ASN A 120 -3.08 22.75 -34.82
N SER A 121 -2.60 23.99 -34.63
CA SER A 121 -3.32 24.95 -33.82
C SER A 121 -4.53 25.48 -34.60
N LYS A 122 -4.47 25.51 -35.95
CA LYS A 122 -5.66 25.88 -36.73
C LYS A 122 -6.78 24.87 -36.56
N ASP A 123 -6.46 23.57 -36.54
CA ASP A 123 -7.44 22.53 -36.31
C ASP A 123 -7.99 22.58 -34.88
N ARG A 124 -7.15 22.93 -33.90
CA ARG A 124 -7.64 23.09 -32.54
C ARG A 124 -8.66 24.26 -32.50
N THR A 125 -8.40 25.36 -33.19
CA THR A 125 -9.33 26.49 -33.29
C THR A 125 -10.67 26.06 -33.90
N THR A 126 -10.63 25.29 -34.98
CA THR A 126 -11.82 24.81 -35.68
C THR A 126 -12.64 23.90 -34.79
N LEU A 127 -11.99 22.90 -34.20
CA LEU A 127 -12.66 21.95 -33.32
C LEU A 127 -13.25 22.63 -32.07
N ALA A 128 -12.57 23.66 -31.55
CA ALA A 128 -13.06 24.36 -30.35
C ALA A 128 -14.40 25.06 -30.64
N GLN A 129 -14.50 25.62 -31.86
CA GLN A 129 -15.74 26.21 -32.31
C GLN A 129 -16.82 25.15 -32.52
N THR A 130 -16.50 24.02 -33.15
CA THR A 130 -17.43 22.90 -33.31
C THR A 130 -18.06 22.51 -31.97
N PHE A 131 -17.28 22.47 -30.87
CA PHE A 131 -17.70 21.85 -29.65
C PHE A 131 -18.10 22.87 -28.58
N LYS A 132 -18.07 24.16 -28.87
CA LYS A 132 -18.26 25.14 -27.81
C LYS A 132 -19.60 24.98 -27.09
N ASN A 133 -20.66 24.72 -27.85
CA ASN A 133 -22.01 24.55 -27.31
C ASN A 133 -22.13 23.24 -26.54
N GLN A 134 -21.89 22.10 -27.21
CA GLN A 134 -22.19 20.78 -26.64
C GLN A 134 -21.09 20.29 -25.67
N ARG A 135 -19.81 20.62 -25.95
CA ARG A 135 -18.71 20.06 -25.16
C ARG A 135 -17.71 21.16 -24.82
N PRO A 136 -18.10 22.20 -24.01
CA PRO A 136 -17.19 23.27 -23.63
C PRO A 136 -15.93 22.76 -22.91
N ASP A 137 -16.00 21.58 -22.28
CA ASP A 137 -14.82 20.92 -21.75
C ASP A 137 -13.75 20.68 -22.83
N LEU A 138 -14.14 20.21 -24.02
CA LEU A 138 -13.23 19.99 -25.13
C LEU A 138 -12.70 21.32 -25.64
N THR A 139 -13.61 22.29 -25.82
CA THR A 139 -13.23 23.63 -26.23
C THR A 139 -12.14 24.20 -25.33
N ASN A 140 -12.32 24.06 -24.01
CA ASN A 140 -11.35 24.61 -23.08
C ASN A 140 -9.95 23.98 -23.27
N LEU A 141 -9.90 22.65 -23.41
CA LEU A 141 -8.62 21.96 -23.61
C LEU A 141 -7.97 22.29 -24.94
N LEU A 142 -8.77 22.37 -26.01
CA LEU A 142 -8.26 22.73 -27.34
C LEU A 142 -7.64 24.11 -27.33
N LEU A 143 -8.33 25.11 -26.77
CA LEU A 143 -7.79 26.43 -26.78
C LEU A 143 -6.64 26.52 -25.80
N ALA A 144 -6.65 25.68 -24.74
CA ALA A 144 -5.54 25.68 -23.78
C ALA A 144 -4.24 25.28 -24.48
N PHE A 145 -4.32 24.25 -25.33
CA PHE A 145 -3.15 23.72 -26.02
C PHE A 145 -2.67 24.63 -27.15
N ASN A 146 -3.47 25.66 -27.50
CA ASN A 146 -3.00 26.71 -28.40
C ASN A 146 -2.17 27.76 -27.64
N THR A 147 -1.98 27.66 -26.31
CA THR A 147 -1.14 28.60 -25.59
C THR A 147 0.14 27.88 -25.19
N SER A 148 1.10 28.67 -24.72
CA SER A 148 2.34 28.11 -24.23
C SER A 148 2.18 27.52 -22.82
N ASP A 149 1.04 27.74 -22.11
CA ASP A 149 0.84 27.10 -20.80
C ASP A 149 -0.62 26.68 -20.64
N PRO A 150 -0.97 25.45 -21.08
CA PRO A 150 -2.36 24.99 -21.06
C PRO A 150 -2.93 24.99 -19.63
N MET A 151 -2.07 24.77 -18.63
CA MET A 151 -2.52 24.75 -17.22
C MET A 151 -3.03 26.12 -16.77
N SER A 152 -2.35 27.21 -17.13
CA SER A 152 -2.73 28.55 -16.81
C SER A 152 -4.09 28.92 -17.42
N TYR A 153 -4.30 28.45 -18.67
CA TYR A 153 -5.57 28.66 -19.34
C TYR A 153 -6.72 27.94 -18.62
N ILE A 154 -6.54 26.66 -18.28
CA ILE A 154 -7.54 25.83 -17.59
C ILE A 154 -7.81 26.36 -16.17
N VAL A 155 -6.76 26.84 -15.50
CA VAL A 155 -6.93 27.40 -14.16
C VAL A 155 -7.72 28.72 -14.24
N GLN A 156 -7.47 29.57 -15.24
CA GLN A 156 -8.21 30.82 -15.41
C GLN A 156 -9.70 30.49 -15.67
N LYS A 157 -10.01 29.41 -16.39
CA LYS A 157 -11.39 28.98 -16.62
C LYS A 157 -12.02 28.31 -15.39
N GLU A 158 -11.24 27.87 -14.41
CA GLU A 158 -11.66 27.12 -13.23
C GLU A 158 -12.38 25.86 -13.70
N ASP A 159 -11.83 25.24 -14.76
CA ASP A 159 -12.36 24.00 -15.30
C ASP A 159 -11.74 22.85 -14.52
N ILE A 160 -12.50 22.26 -13.57
CA ILE A 160 -11.95 21.30 -12.62
C ILE A 160 -11.62 19.95 -13.30
N ASN A 161 -12.51 19.43 -14.15
CA ASN A 161 -12.24 18.20 -14.87
C ASN A 161 -10.99 18.37 -15.76
N GLY A 162 -10.89 19.52 -16.42
CA GLY A 162 -9.75 19.87 -17.26
C GLY A 162 -8.46 19.89 -16.46
N PHE A 163 -8.51 20.46 -15.25
CA PHE A 163 -7.35 20.52 -14.38
C PHE A 163 -6.79 19.13 -14.13
N PHE A 164 -7.66 18.19 -13.70
CA PHE A 164 -7.19 16.87 -13.40
C PHE A 164 -6.69 16.14 -14.66
N LYS A 165 -7.35 16.35 -15.81
CA LYS A 165 -6.90 15.72 -17.06
C LYS A 165 -5.49 16.21 -17.40
N LEU A 166 -5.25 17.49 -17.21
CA LEU A 166 -3.94 18.07 -17.48
C LEU A 166 -2.89 17.54 -16.54
N TYR A 167 -3.25 17.43 -15.24
CA TYR A 167 -2.33 16.89 -14.27
C TYR A 167 -1.97 15.44 -14.61
N ASN A 168 -2.96 14.63 -14.97
CA ASN A 168 -2.70 13.25 -15.35
C ASN A 168 -1.81 13.13 -16.62
N TYR A 169 -1.97 14.06 -17.54
CA TYR A 169 -1.16 14.20 -18.76
C TYR A 169 0.28 14.58 -18.41
N SER A 170 0.46 15.56 -17.54
CA SER A 170 1.79 15.98 -17.11
C SER A 170 1.78 16.57 -15.72
N LYS A 171 2.58 15.94 -14.85
CA LYS A 171 2.88 16.41 -13.50
C LYS A 171 3.77 17.64 -13.44
N LYS A 172 4.29 18.10 -14.58
CA LYS A 172 5.28 19.14 -14.57
C LYS A 172 4.62 20.50 -14.47
N TYR A 173 3.38 20.65 -14.93
CA TYR A 173 2.65 21.88 -14.73
C TYR A 173 2.57 22.21 -13.25
N ASP A 174 2.80 23.48 -12.97
CA ASP A 174 2.70 23.98 -11.58
C ASP A 174 2.39 25.48 -11.61
N LEU A 175 1.37 25.90 -10.85
CA LEU A 175 0.90 27.27 -10.86
C LEU A 175 0.29 27.57 -9.49
N ASP A 176 0.31 28.82 -9.04
CA ASP A 176 -0.52 29.22 -7.89
C ASP A 176 -2.01 29.12 -8.24
N LEU A 177 -2.82 28.65 -7.26
CA LEU A 177 -4.25 28.46 -7.40
C LEU A 177 -4.95 29.29 -6.31
N ASN A 178 -5.97 30.06 -6.67
CA ASN A 178 -6.56 30.99 -5.76
C ASN A 178 -7.48 30.21 -4.79
N THR A 179 -8.01 30.90 -3.79
CA THR A 179 -8.82 30.26 -2.76
C THR A 179 -10.06 29.57 -3.34
N SER A 180 -10.77 30.25 -4.21
CA SER A 180 -11.94 29.70 -4.89
C SER A 180 -11.67 28.41 -5.65
N LEU A 181 -10.61 28.38 -6.45
CA LEU A 181 -10.26 27.21 -7.26
C LEU A 181 -9.82 26.04 -6.40
N VAL A 182 -8.97 26.27 -5.41
CA VAL A 182 -8.45 25.17 -4.61
C VAL A 182 -9.56 24.51 -3.77
N ASN A 183 -10.57 25.28 -3.36
CA ASN A 183 -11.72 24.75 -2.63
C ASN A 183 -12.66 23.95 -3.53
N LYS A 184 -12.53 24.07 -4.84
CA LYS A 184 -13.31 23.22 -5.73
C LYS A 184 -12.66 21.85 -6.00
N LEU A 185 -11.34 21.76 -5.87
CA LEU A 185 -10.65 20.55 -6.25
C LEU A 185 -11.07 19.33 -5.44
N PRO A 186 -11.33 19.42 -4.10
CA PRO A 186 -11.61 18.21 -3.32
C PRO A 186 -12.83 17.39 -3.73
N ASN A 187 -13.77 17.99 -4.49
CA ASN A 187 -14.99 17.32 -4.90
C ASN A 187 -14.72 16.33 -6.04
N HIS A 188 -13.52 16.34 -6.66
CA HIS A 188 -13.23 15.49 -7.80
C HIS A 188 -12.52 14.24 -7.30
N ILE A 189 -12.83 13.08 -7.88
CA ILE A 189 -12.30 11.80 -7.41
C ILE A 189 -10.75 11.75 -7.45
N GLY A 190 -10.11 12.55 -8.32
CA GLY A 190 -8.67 12.58 -8.46
C GLY A 190 -7.94 13.30 -7.33
N PHE A 191 -8.69 14.08 -6.51
CA PHE A 191 -8.05 14.95 -5.56
C PHE A 191 -7.17 14.16 -4.57
N LYS A 192 -7.67 13.04 -4.02
CA LYS A 192 -6.96 12.36 -2.92
C LYS A 192 -5.56 11.90 -3.35
N ASP A 193 -5.46 11.27 -4.51
CA ASP A 193 -4.17 10.84 -5.08
C ASP A 193 -3.29 12.04 -5.48
N PHE A 194 -3.88 13.08 -6.07
CA PHE A 194 -3.18 14.35 -6.34
C PHE A 194 -2.50 14.91 -5.08
N ALA A 195 -3.28 15.11 -4.02
CA ALA A 195 -2.77 15.71 -2.80
C ALA A 195 -1.70 14.82 -2.20
N GLN A 196 -1.98 13.51 -2.16
CA GLN A 196 -1.03 12.61 -1.54
C GLN A 196 0.29 12.69 -2.31
N ASN A 197 0.23 12.53 -3.62
CA ASN A 197 1.42 12.47 -4.47
C ASN A 197 2.27 13.73 -4.36
N ILE A 198 1.68 14.92 -4.44
CA ILE A 198 2.50 16.12 -4.44
C ILE A 198 3.04 16.42 -3.03
N ILE A 199 2.29 16.11 -1.96
CA ILE A 199 2.80 16.34 -0.61
C ILE A 199 3.93 15.37 -0.27
N ILE A 200 3.74 14.07 -0.48
CA ILE A 200 4.75 13.06 -0.15
C ILE A 200 6.01 13.22 -1.03
N LYS A 201 5.85 13.49 -2.31
CA LYS A 201 6.98 13.56 -3.23
C LYS A 201 7.64 14.95 -3.16
N LYS A 202 6.99 15.89 -2.47
CA LYS A 202 7.50 17.25 -2.34
C LYS A 202 7.65 17.82 -3.74
N GLU A 203 6.61 17.65 -4.52
CA GLU A 203 6.59 18.17 -5.87
C GLU A 203 5.58 19.32 -5.96
N ASN A 204 5.59 19.96 -7.12
CA ASN A 204 4.60 20.98 -7.45
C ASN A 204 4.43 21.95 -6.28
N PRO A 205 5.45 22.77 -5.98
CA PRO A 205 5.40 23.63 -4.81
C PRO A 205 4.36 24.75 -4.83
N LYS A 206 3.99 25.24 -6.02
CA LYS A 206 2.96 26.25 -6.09
C LYS A 206 1.60 25.62 -5.73
N PHE A 207 1.32 24.44 -6.28
CA PHE A 207 0.10 23.70 -5.92
C PHE A 207 0.09 23.43 -4.41
N ARG A 208 1.23 22.96 -3.86
CA ARG A 208 1.32 22.64 -2.43
C ARG A 208 1.01 23.85 -1.57
N HIS A 209 1.65 24.99 -1.83
CA HIS A 209 1.42 26.20 -1.08
C HIS A 209 -0.05 26.64 -1.18
N SER A 210 -0.64 26.52 -2.38
CA SER A 210 -2.01 26.91 -2.61
C SER A 210 -2.98 26.11 -1.71
N MET A 211 -2.64 24.82 -1.47
CA MET A 211 -3.55 23.93 -0.75
C MET A 211 -3.63 24.27 0.74
N LEU A 212 -2.82 25.23 1.21
CA LEU A 212 -2.97 25.81 2.54
C LEU A 212 -4.32 26.52 2.72
N GLU A 213 -4.96 26.93 1.62
CA GLU A 213 -6.19 27.71 1.71
C GLU A 213 -7.45 26.85 1.54
N ILE A 214 -7.30 25.53 1.51
CA ILE A 214 -8.46 24.66 1.47
C ILE A 214 -9.11 24.71 2.85
N ASN A 215 -10.42 24.99 2.84
CA ASN A 215 -11.23 25.02 4.05
C ASN A 215 -11.33 23.56 4.52
N PRO A 216 -11.00 23.26 5.78
CA PRO A 216 -11.20 21.90 6.30
C PRO A 216 -12.62 21.33 6.15
N GLU A 217 -13.62 22.22 6.12
CA GLU A 217 -15.00 21.79 5.89
C GLU A 217 -15.15 21.08 4.56
N ASN A 218 -14.24 21.33 3.57
CA ASN A 218 -14.39 20.75 2.23
C ASN A 218 -13.64 19.44 2.03
N VAL A 219 -12.85 18.95 3.02
CA VAL A 219 -12.09 17.72 2.88
C VAL A 219 -12.39 16.79 4.07
N SER A 220 -11.99 15.52 3.93
CA SER A 220 -12.19 14.55 5.00
C SER A 220 -11.16 13.45 4.84
N GLU A 221 -11.11 12.59 5.85
CA GLU A 221 -10.35 11.34 5.82
C GLU A 221 -8.91 11.60 5.43
N ASP A 222 -8.38 10.78 4.51
CA ASP A 222 -6.98 10.78 4.10
C ASP A 222 -6.56 12.15 3.59
N SER A 223 -7.45 12.75 2.79
CA SER A 223 -7.16 14.06 2.17
C SER A 223 -6.95 15.15 3.22
N ALA A 224 -7.87 15.23 4.20
CA ALA A 224 -7.73 16.11 5.33
C ALA A 224 -6.41 15.89 6.08
N PHE A 225 -6.07 14.62 6.33
CA PHE A 225 -4.84 14.28 7.01
C PHE A 225 -3.60 14.80 6.27
N TYR A 226 -3.52 14.47 4.95
CA TYR A 226 -2.40 14.94 4.14
C TYR A 226 -2.31 16.47 4.13
N LEU A 227 -3.44 17.17 4.12
CA LEU A 227 -3.42 18.61 4.13
C LEU A 227 -2.91 19.15 5.48
N GLY A 228 -3.17 18.42 6.56
CA GLY A 228 -2.51 18.69 7.84
C GLY A 228 -1.00 18.57 7.77
N VAL A 229 -0.51 17.48 7.16
CA VAL A 229 0.92 17.26 6.97
C VAL A 229 1.53 18.41 6.14
N ASN A 230 0.83 18.77 5.05
CA ASN A 230 1.24 19.89 4.20
C ASN A 230 1.38 21.16 5.04
N ALA A 231 0.36 21.47 5.84
CA ALA A 231 0.39 22.70 6.62
C ALA A 231 1.58 22.70 7.60
N LEU A 232 1.89 21.56 8.22
CA LEU A 232 3.06 21.46 9.09
C LEU A 232 4.36 21.82 8.35
N THR A 233 4.50 21.39 7.08
CA THR A 233 5.76 21.64 6.37
C THR A 233 5.97 23.13 6.11
N TYR A 234 4.89 23.97 6.09
CA TYR A 234 4.94 25.42 5.95
C TYR A 234 4.81 26.13 7.30
N ASP A 235 4.93 25.36 8.41
CA ASP A 235 4.78 25.85 9.78
C ASP A 235 3.49 26.62 10.00
N LYS A 236 2.41 26.14 9.41
CA LYS A 236 1.10 26.70 9.65
C LYS A 236 0.37 25.78 10.62
N THR A 237 0.72 25.86 11.91
CA THR A 237 0.33 24.82 12.88
C THR A 237 -1.17 24.91 13.20
N GLU A 238 -1.74 26.14 13.27
CA GLU A 238 -3.16 26.29 13.49
C GLU A 238 -3.97 25.65 12.34
N LEU A 239 -3.60 25.91 11.09
CA LEU A 239 -4.28 25.28 9.96
C LEU A 239 -4.09 23.74 10.03
N ALA A 240 -2.90 23.30 10.42
CA ALA A 240 -2.61 21.89 10.52
C ALA A 240 -3.54 21.25 11.53
N TYR A 241 -3.65 21.85 12.70
CA TYR A 241 -4.55 21.33 13.71
C TYR A 241 -5.97 21.15 13.19
N ASP A 242 -6.50 22.16 12.47
CA ASP A 242 -7.85 22.12 11.93
C ASP A 242 -8.04 20.98 10.93
N PHE A 243 -7.02 20.74 10.06
CA PHE A 243 -7.13 19.63 9.13
C PHE A 243 -7.12 18.29 9.88
N PHE A 244 -6.20 18.15 10.83
CA PHE A 244 -6.07 16.88 11.56
C PHE A 244 -7.34 16.60 12.38
N LYS A 245 -7.95 17.66 12.91
CA LYS A 245 -9.19 17.48 13.67
C LYS A 245 -10.28 16.97 12.76
N LYS A 246 -10.34 17.52 11.52
CA LYS A 246 -11.36 17.07 10.59
C LYS A 246 -11.12 15.60 10.20
N ALA A 247 -9.86 15.24 9.99
CA ALA A 247 -9.49 13.87 9.70
C ALA A 247 -9.93 12.94 10.83
N ALA A 248 -9.67 13.33 12.08
CA ALA A 248 -9.98 12.46 13.22
C ALA A 248 -11.49 12.22 13.28
N GLN A 249 -12.26 13.26 12.95
CA GLN A 249 -13.71 13.18 12.99
C GLN A 249 -14.32 12.35 11.85
N SER A 250 -13.60 12.08 10.76
CA SER A 250 -14.18 11.47 9.57
C SER A 250 -13.57 10.13 9.21
N PHE A 251 -12.39 9.79 9.78
CA PHE A 251 -11.72 8.58 9.41
C PHE A 251 -12.60 7.41 9.81
N LYS A 252 -12.72 6.40 8.93
CA LYS A 252 -13.45 5.18 9.22
C LYS A 252 -12.68 4.27 10.17
N SER A 253 -11.35 4.21 10.07
CA SER A 253 -10.59 3.27 10.91
C SER A 253 -10.07 3.98 12.17
N GLN A 254 -10.17 3.25 13.29
CA GLN A 254 -9.72 3.76 14.58
C GLN A 254 -8.22 4.02 14.56
N SER A 255 -7.43 3.14 13.88
CA SER A 255 -6.00 3.35 13.81
C SER A 255 -5.67 4.69 13.16
N ASN A 256 -6.35 4.99 12.03
CA ASN A 256 -6.11 6.28 11.36
C ASN A 256 -6.60 7.45 12.20
N LYS A 257 -7.76 7.26 12.86
CA LYS A 257 -8.25 8.31 13.74
C LYS A 257 -7.21 8.64 14.81
N ASP A 258 -6.63 7.59 15.40
CA ASP A 258 -5.59 7.75 16.43
C ASP A 258 -4.38 8.52 15.94
N ASN A 259 -3.95 8.25 14.69
CA ASN A 259 -2.85 8.98 14.06
C ASN A 259 -3.17 10.48 13.99
N ALA A 260 -4.40 10.83 13.60
CA ALA A 260 -4.81 12.23 13.53
C ALA A 260 -4.94 12.90 14.90
N ILE A 261 -5.50 12.18 15.88
CA ILE A 261 -5.56 12.68 17.26
C ILE A 261 -4.17 12.91 17.84
N PHE A 262 -3.23 12.03 17.50
CA PHE A 262 -1.85 12.23 17.93
C PHE A 262 -1.30 13.57 17.45
N TRP A 263 -1.58 13.92 16.16
CA TRP A 263 -1.14 15.22 15.66
C TRP A 263 -1.84 16.40 16.34
N MET A 264 -3.16 16.28 16.57
CA MET A 264 -3.90 17.30 17.29
C MET A 264 -3.20 17.57 18.64
N TRP A 265 -2.85 16.48 19.33
CA TRP A 265 -2.15 16.59 20.62
C TRP A 265 -0.74 17.21 20.49
N LEU A 266 0.11 16.69 19.58
CA LEU A 266 1.44 17.22 19.41
C LEU A 266 1.44 18.72 19.11
N ILE A 267 0.41 19.19 18.37
CA ILE A 267 0.38 20.59 17.97
C ILE A 267 -0.13 21.45 19.14
N LYS A 268 -1.24 21.10 19.78
CA LYS A 268 -1.88 22.02 20.72
C LYS A 268 -1.84 21.55 22.17
N ASN A 269 -1.44 20.30 22.40
CA ASN A 269 -1.25 19.74 23.73
C ASN A 269 -2.49 19.82 24.61
N ASN A 270 -3.67 19.61 24.04
CA ASN A 270 -4.89 19.42 24.82
C ASN A 270 -4.84 18.04 25.47
N GLU A 271 -4.88 18.02 26.82
CA GLU A 271 -4.74 16.76 27.55
C GLU A 271 -5.96 15.87 27.35
N GLU A 272 -7.14 16.38 26.94
CA GLU A 272 -8.24 15.51 26.59
C GLU A 272 -7.95 14.66 25.31
N ASP A 273 -7.22 15.21 24.36
CA ASP A 273 -6.87 14.51 23.12
C ASP A 273 -5.93 13.37 23.46
N LEU A 274 -4.94 13.62 24.33
CA LEU A 274 -4.00 12.57 24.70
C LEU A 274 -4.70 11.48 25.50
N LYS A 275 -5.68 11.87 26.31
CA LYS A 275 -6.43 10.92 27.11
C LYS A 275 -7.27 10.01 26.21
N THR A 276 -7.95 10.62 25.22
CA THR A 276 -8.73 9.85 24.27
C THR A 276 -7.85 8.86 23.49
N LEU A 277 -6.68 9.32 23.07
CA LEU A 277 -5.71 8.45 22.37
C LEU A 277 -5.26 7.32 23.29
N SER A 278 -4.98 7.56 24.61
CA SER A 278 -4.49 6.49 25.50
C SER A 278 -5.55 5.40 25.74
N GLN A 279 -6.82 5.74 25.52
CA GLN A 279 -7.92 4.82 25.78
C GLN A 279 -8.42 4.16 24.50
N SER A 280 -7.71 4.34 23.36
CA SER A 280 -8.14 3.72 22.12
C SER A 280 -8.23 2.18 22.21
N SER A 281 -9.23 1.63 21.50
CA SER A 281 -9.38 0.19 21.24
C SER A 281 -8.38 -0.33 20.21
N SER A 282 -7.75 0.58 19.45
CA SER A 282 -6.74 0.17 18.46
C SER A 282 -5.36 0.23 19.11
N LEU A 283 -4.63 -0.87 18.93
CA LEU A 283 -3.23 -0.95 19.32
C LEU A 283 -2.38 -0.53 18.13
N ASN A 284 -1.73 0.61 18.24
CA ASN A 284 -0.87 1.17 17.20
C ASN A 284 0.20 1.97 17.95
N ILE A 285 1.19 2.51 17.21
CA ILE A 285 2.24 3.27 17.86
C ILE A 285 1.76 4.50 18.65
N TYR A 286 0.68 5.14 18.18
CA TYR A 286 0.17 6.37 18.75
C TYR A 286 -0.51 6.06 20.09
N SER A 287 -1.36 5.05 20.10
CA SER A 287 -2.07 4.69 21.33
C SER A 287 -1.09 4.10 22.35
N LEU A 288 -0.07 3.36 21.87
CA LEU A 288 0.96 2.82 22.78
C LEU A 288 1.74 3.97 23.40
N TYR A 289 2.14 4.94 22.55
CA TYR A 289 2.87 6.11 23.01
C TYR A 289 2.05 6.91 24.05
N ALA A 290 0.78 7.13 23.75
CA ALA A 290 -0.08 7.87 24.67
C ALA A 290 -0.23 7.16 26.02
N LYS A 291 -0.32 5.84 26.00
CA LYS A 291 -0.40 5.03 27.22
C LYS A 291 0.84 5.22 28.07
N GLU A 292 1.99 5.19 27.40
CA GLU A 292 3.24 5.37 28.10
C GLU A 292 3.32 6.76 28.74
N LEU A 293 2.92 7.82 28.00
CA LEU A 293 3.04 9.19 28.48
C LEU A 293 2.11 9.47 29.67
N THR A 294 1.08 8.64 29.86
CA THR A 294 0.03 8.89 30.85
C THR A 294 0.04 7.83 31.95
N ASN A 295 1.09 6.99 32.00
CA ASN A 295 1.19 5.92 32.99
C ASN A 295 -0.02 4.99 32.93
N THR A 296 -0.55 4.72 31.73
CA THR A 296 -1.66 3.81 31.51
C THR A 296 -1.07 2.41 31.27
N PRO A 297 -1.66 1.35 31.87
CA PRO A 297 -1.17 -0.01 31.70
C PRO A 297 -1.14 -0.46 30.23
N PHE A 298 -0.20 -1.35 29.93
CA PHE A 298 -0.02 -1.89 28.60
C PHE A 298 -1.31 -2.58 28.17
N PRO A 299 -1.76 -2.51 26.88
CA PRO A 299 -3.01 -3.17 26.51
C PRO A 299 -2.94 -4.68 26.73
N LYS A 300 -4.11 -5.24 26.95
CA LYS A 300 -4.29 -6.67 27.12
C LYS A 300 -4.06 -7.43 25.81
N ILE A 301 -3.18 -8.43 25.88
CA ILE A 301 -2.91 -9.31 24.74
C ILE A 301 -3.54 -10.68 24.99
N GLU A 302 -4.33 -11.18 24.04
CA GLU A 302 -4.96 -12.48 24.20
C GLU A 302 -3.90 -13.56 24.34
N SER A 303 -4.33 -14.66 24.93
CA SER A 303 -3.49 -15.83 25.07
C SER A 303 -4.23 -17.01 24.48
N LEU A 304 -3.65 -17.58 23.41
CA LEU A 304 -4.22 -18.70 22.68
C LEU A 304 -3.38 -19.92 22.97
N ASN A 305 -3.99 -20.96 23.53
CA ASN A 305 -3.25 -22.18 23.80
C ASN A 305 -4.19 -23.36 23.56
N PRO A 306 -4.42 -23.79 22.30
CA PRO A 306 -5.36 -24.88 22.02
C PRO A 306 -4.85 -26.17 22.68
N SER A 307 -5.75 -26.98 23.24
CA SER A 307 -5.35 -28.29 23.73
C SER A 307 -5.25 -29.33 22.61
N LYS A 308 -6.19 -29.40 21.64
CA LYS A 308 -6.05 -30.34 20.51
C LYS A 308 -4.71 -30.10 19.81
N LYS A 309 -4.01 -31.20 19.43
CA LYS A 309 -2.65 -31.16 18.89
C LYS A 309 -2.69 -30.88 17.38
N LYS A 310 -3.59 -31.56 16.67
CA LYS A 310 -3.64 -31.44 15.22
C LYS A 310 -5.06 -31.60 14.71
N ASN A 311 -5.25 -31.30 13.40
CA ASN A 311 -6.37 -31.80 12.62
C ASN A 311 -5.81 -32.33 11.29
N ASN A 312 -6.70 -32.47 10.30
CA ASN A 312 -6.36 -33.09 9.02
C ASN A 312 -5.72 -32.10 8.05
N PHE A 313 -5.81 -30.80 8.35
CA PHE A 313 -5.44 -29.76 7.41
C PHE A 313 -3.93 -29.82 7.16
N ASN A 314 -3.57 -29.71 5.89
CA ASN A 314 -2.18 -29.59 5.45
C ASN A 314 -1.73 -28.12 5.39
N MET A 315 -0.92 -27.74 6.39
CA MET A 315 -0.37 -26.40 6.56
C MET A 315 0.72 -26.13 5.53
N GLN A 316 1.11 -27.16 4.74
CA GLN A 316 2.17 -26.97 3.76
C GLN A 316 1.59 -27.03 2.34
N ASP A 317 0.27 -27.06 2.19
CA ASP A 317 -0.38 -27.06 0.87
C ASP A 317 -0.88 -25.66 0.56
N PRO A 318 -0.24 -24.93 -0.40
CA PRO A 318 -0.63 -23.57 -0.71
C PRO A 318 -2.05 -23.43 -1.27
N PHE A 319 -2.47 -24.43 -2.06
CA PHE A 319 -3.82 -24.47 -2.62
C PHE A 319 -4.88 -24.56 -1.52
N ALA A 320 -4.64 -25.38 -0.51
CA ALA A 320 -5.56 -25.53 0.62
C ALA A 320 -5.71 -24.22 1.40
N TRP A 321 -4.62 -23.47 1.60
CA TRP A 321 -4.72 -22.15 2.22
C TRP A 321 -5.60 -21.23 1.36
N GLN A 322 -5.40 -21.13 0.03
CA GLN A 322 -6.20 -20.20 -0.77
C GLN A 322 -7.71 -20.49 -0.60
N LYS A 323 -8.07 -21.76 -0.55
CA LYS A 323 -9.44 -22.23 -0.46
C LYS A 323 -10.07 -21.90 0.92
N ILE A 324 -9.35 -22.20 2.02
CA ILE A 324 -9.81 -21.92 3.36
C ILE A 324 -9.86 -20.40 3.62
N ASN A 325 -8.95 -19.63 3.04
CA ASN A 325 -8.93 -18.18 3.25
C ASN A 325 -10.19 -17.55 2.66
N LYS A 326 -10.56 -18.03 1.48
CA LYS A 326 -11.71 -17.53 0.76
C LYS A 326 -12.98 -17.84 1.56
N GLN A 327 -13.10 -19.07 2.09
CA GLN A 327 -14.19 -19.45 2.98
C GLN A 327 -14.26 -18.60 4.25
N ILE A 328 -13.11 -18.39 4.89
CA ILE A 328 -13.07 -17.57 6.10
C ILE A 328 -13.54 -16.15 5.76
N ARG A 329 -13.11 -15.57 4.63
CA ARG A 329 -13.40 -14.18 4.31
C ARG A 329 -14.87 -13.97 3.90
N ASP A 330 -15.56 -15.04 3.46
CA ASP A 330 -16.94 -14.98 3.01
C ASP A 330 -17.87 -15.59 4.07
N ALA A 331 -17.32 -15.98 5.23
CA ALA A 331 -18.11 -16.57 6.30
C ALA A 331 -18.87 -15.44 7.02
N ASN A 332 -20.14 -15.72 7.24
CA ASN A 332 -21.03 -14.90 8.05
C ASN A 332 -20.56 -15.04 9.50
N ALA A 333 -21.04 -14.12 10.39
CA ALA A 333 -20.87 -14.22 11.85
C ALA A 333 -20.95 -15.67 12.37
N SER A 334 -21.93 -16.47 11.88
CA SER A 334 -22.18 -17.85 12.30
C SER A 334 -21.14 -18.87 11.80
N GLN A 335 -20.72 -18.81 10.52
CA GLN A 335 -19.84 -19.85 9.96
C GLN A 335 -18.41 -19.69 10.52
N LEU A 336 -18.01 -18.46 10.87
CA LEU A 336 -16.77 -18.18 11.58
C LEU A 336 -16.65 -19.02 12.85
N ASP A 337 -17.76 -19.18 13.63
CA ASP A 337 -17.73 -19.94 14.88
C ASP A 337 -17.45 -21.41 14.62
N VAL A 338 -17.97 -21.91 13.51
CA VAL A 338 -17.73 -23.28 13.12
C VAL A 338 -16.25 -23.54 12.76
N LEU A 339 -15.68 -22.59 11.98
CA LEU A 339 -14.30 -22.70 11.51
C LEU A 339 -13.32 -22.55 12.68
N ALA A 340 -13.62 -21.61 13.59
CA ALA A 340 -12.84 -21.38 14.81
C ALA A 340 -12.64 -22.71 15.53
N LYS A 341 -13.73 -23.48 15.70
CA LYS A 341 -13.66 -24.75 16.42
C LYS A 341 -12.81 -25.75 15.65
N GLU A 342 -12.99 -25.82 14.32
CA GLU A 342 -12.31 -26.83 13.52
C GLU A 342 -10.79 -26.60 13.60
N PHE A 343 -10.34 -25.33 13.56
CA PHE A 343 -8.91 -24.95 13.45
C PHE A 343 -8.30 -24.58 14.81
N ASP A 344 -9.04 -24.83 15.91
CA ASP A 344 -8.58 -24.60 17.27
C ASP A 344 -7.67 -25.76 17.69
N THR A 345 -6.52 -25.87 17.01
CA THR A 345 -5.50 -26.86 17.31
C THR A 345 -4.16 -26.16 17.33
N GLN A 346 -3.17 -26.87 17.89
CA GLN A 346 -1.78 -26.38 17.92
C GLN A 346 -1.20 -26.27 16.50
N GLU A 347 -1.41 -27.33 15.68
CA GLU A 347 -0.88 -27.39 14.32
C GLU A 347 -1.45 -26.26 13.45
N THR A 348 -2.71 -25.86 13.68
CA THR A 348 -3.32 -24.83 12.84
C THR A 348 -3.52 -23.53 13.63
N LEU A 349 -2.65 -23.26 14.61
CA LEU A 349 -2.75 -22.06 15.44
C LEU A 349 -2.79 -20.79 14.58
N PRO A 350 -1.95 -20.58 13.53
CA PRO A 350 -2.06 -19.36 12.72
C PRO A 350 -3.42 -19.19 12.06
N ILE A 351 -4.04 -20.29 11.60
CA ILE A 351 -5.39 -20.20 11.03
C ILE A 351 -6.42 -19.87 12.12
N TYR A 352 -6.29 -20.45 13.31
CA TYR A 352 -7.16 -20.14 14.42
C TYR A 352 -7.12 -18.65 14.74
N ALA A 353 -5.92 -18.08 14.93
CA ALA A 353 -5.81 -16.68 15.29
C ALA A 353 -6.39 -15.79 14.20
N TYR A 354 -6.20 -16.20 12.93
CA TYR A 354 -6.69 -15.46 11.78
C TYR A 354 -8.22 -15.42 11.79
N ILE A 355 -8.85 -16.56 12.12
CA ILE A 355 -10.30 -16.64 12.24
C ILE A 355 -10.80 -15.79 13.39
N LEU A 356 -10.16 -15.86 14.57
CA LEU A 356 -10.58 -15.10 15.75
C LEU A 356 -10.52 -13.60 15.51
N GLU A 357 -9.46 -13.17 14.82
CA GLU A 357 -9.23 -11.77 14.57
C GLU A 357 -10.43 -11.21 13.81
N ARG A 358 -10.88 -11.93 12.78
CA ARG A 358 -12.10 -11.59 12.03
C ARG A 358 -13.37 -11.79 12.86
N LYS A 359 -13.47 -12.90 13.59
CA LYS A 359 -14.67 -13.26 14.35
C LYS A 359 -14.98 -12.24 15.44
N ASN A 360 -13.94 -11.61 16.03
CA ASN A 360 -14.03 -10.66 17.12
C ASN A 360 -14.05 -9.23 16.62
N ASN A 361 -14.22 -9.07 15.30
CA ASN A 361 -14.37 -7.76 14.67
C ASN A 361 -13.16 -6.85 14.96
N PHE A 362 -11.97 -7.47 15.10
CA PHE A 362 -10.68 -6.77 15.15
C PHE A 362 -10.53 -6.00 16.48
N LYS A 363 -11.32 -6.37 17.52
CA LYS A 363 -11.31 -5.72 18.83
C LYS A 363 -10.33 -6.38 19.80
N LYS A 364 -9.91 -7.62 19.53
CA LYS A 364 -9.01 -8.28 20.45
C LYS A 364 -7.62 -8.30 19.83
N HIS A 365 -6.57 -8.26 20.67
CA HIS A 365 -5.20 -8.23 20.19
C HIS A 365 -4.56 -9.62 20.22
N TYR A 366 -4.22 -10.16 19.02
CA TYR A 366 -3.68 -11.51 18.91
C TYR A 366 -2.25 -11.42 18.41
N PHE A 367 -1.33 -11.88 19.26
CA PHE A 367 0.11 -11.77 19.00
C PHE A 367 0.72 -13.14 19.28
N ILE A 368 0.52 -14.08 18.35
CA ILE A 368 0.97 -15.44 18.53
C ILE A 368 2.46 -15.56 18.26
N MET A 369 3.05 -16.71 18.67
CA MET A 369 4.46 -16.97 18.44
C MET A 369 4.59 -18.41 17.99
N PRO A 370 4.14 -18.74 16.76
CA PRO A 370 4.16 -20.12 16.29
C PRO A 370 5.55 -20.56 15.86
N TYR A 371 5.79 -21.89 15.89
CA TYR A 371 7.05 -22.47 15.44
C TYR A 371 8.22 -21.89 16.26
N TYR A 372 7.96 -21.65 17.56
CA TYR A 372 8.84 -20.86 18.42
C TYR A 372 10.20 -21.54 18.64
N ASP A 373 10.22 -22.86 18.53
CA ASP A 373 11.47 -23.60 18.67
C ASP A 373 12.54 -23.10 17.71
N ASN A 374 12.15 -22.56 16.55
CA ASN A 374 13.12 -22.12 15.57
C ASN A 374 13.78 -20.80 15.93
N ILE A 375 13.19 -20.02 16.87
CA ILE A 375 13.79 -18.74 17.18
C ILE A 375 14.19 -18.61 18.67
N LYS A 376 13.93 -19.63 19.50
CA LYS A 376 14.03 -19.46 20.94
C LYS A 376 15.48 -19.26 21.41
N ASP A 377 16.45 -19.52 20.54
CA ASP A 377 17.85 -19.37 20.89
C ASP A 377 18.42 -18.05 20.41
N TYR A 378 17.65 -17.26 19.64
CA TYR A 378 18.05 -15.90 19.34
C TYR A 378 17.81 -15.02 20.57
N ASN A 379 18.50 -13.88 20.65
CA ASN A 379 18.18 -13.01 21.78
C ASN A 379 16.76 -12.46 21.59
N LYS A 380 16.15 -12.00 22.69
CA LYS A 380 14.74 -11.68 22.73
C LYS A 380 14.39 -10.49 21.84
N THR A 381 15.31 -9.54 21.70
CA THR A 381 15.07 -8.38 20.87
C THR A 381 14.95 -8.83 19.40
N ARG A 382 15.81 -9.78 19.01
CA ARG A 382 15.80 -10.33 17.67
C ARG A 382 14.53 -11.14 17.42
N GLN A 383 14.15 -11.98 18.38
CA GLN A 383 12.91 -12.71 18.37
C GLN A 383 11.75 -11.75 18.06
N ALA A 384 11.73 -10.64 18.77
CA ALA A 384 10.58 -9.73 18.67
C ALA A 384 10.50 -9.10 17.28
N LEU A 385 11.66 -8.72 16.73
CA LEU A 385 11.73 -8.14 15.40
C LEU A 385 11.29 -9.15 14.33
N ILE A 386 11.80 -10.39 14.43
CA ILE A 386 11.34 -11.48 13.57
C ILE A 386 9.82 -11.67 13.65
N LEU A 387 9.29 -11.82 14.86
CA LEU A 387 7.86 -12.01 15.06
C LEU A 387 7.06 -10.79 14.55
N ALA A 388 7.58 -9.59 14.75
CA ALA A 388 6.89 -8.37 14.35
C ALA A 388 6.72 -8.29 12.83
N ILE A 389 7.78 -8.67 12.12
CA ILE A 389 7.79 -8.71 10.66
C ILE A 389 6.83 -9.80 10.19
N ALA A 390 6.91 -11.03 10.73
CA ALA A 390 6.08 -12.15 10.30
C ALA A 390 4.58 -11.86 10.49
N ARG A 391 4.25 -11.25 11.65
CA ARG A 391 2.86 -10.89 11.92
C ARG A 391 2.29 -10.01 10.81
N GLN A 392 2.99 -8.95 10.44
CA GLN A 392 2.53 -8.01 9.42
C GLN A 392 2.56 -8.65 8.02
N GLU A 393 3.60 -9.44 7.73
CA GLU A 393 3.83 -9.96 6.38
C GLU A 393 2.77 -11.00 6.03
N SER A 394 2.42 -11.90 6.95
CA SER A 394 1.70 -13.10 6.62
C SER A 394 0.64 -13.49 7.63
N ARG A 395 0.63 -12.83 8.81
CA ARG A 395 -0.06 -13.37 9.99
C ARG A 395 0.34 -14.82 10.28
N PHE A 396 1.59 -15.16 9.98
CA PHE A 396 2.17 -16.47 10.27
C PHE A 396 1.60 -17.60 9.40
N ILE A 397 0.94 -17.30 8.27
CA ILE A 397 0.44 -18.36 7.39
C ILE A 397 1.63 -18.93 6.61
N PRO A 398 1.97 -20.21 6.79
CA PRO A 398 3.23 -20.69 6.20
C PRO A 398 3.31 -20.62 4.66
N THR A 399 2.17 -20.88 3.99
CA THR A 399 2.07 -20.84 2.54
C THR A 399 1.52 -19.54 1.96
N ALA A 400 1.66 -18.43 2.71
CA ALA A 400 1.25 -17.12 2.24
C ALA A 400 1.95 -16.79 0.92
N ILE A 401 1.15 -16.25 -0.02
CA ILE A 401 1.65 -15.74 -1.30
C ILE A 401 1.07 -14.35 -1.60
N SER A 402 1.93 -13.37 -1.88
CA SER A 402 1.49 -12.01 -2.15
C SER A 402 1.16 -11.88 -3.64
N VAL A 403 0.54 -10.75 -4.00
CA VAL A 403 0.26 -10.43 -5.39
C VAL A 403 1.57 -10.36 -6.19
N SER A 404 2.74 -10.14 -5.56
CA SER A 404 4.00 -10.12 -6.29
C SER A 404 4.78 -11.44 -6.10
N TYR A 405 4.10 -12.47 -5.59
CA TYR A 405 4.59 -13.83 -5.34
C TYR A 405 5.74 -13.83 -4.33
N ALA A 406 5.68 -12.90 -3.35
CA ALA A 406 6.48 -13.06 -2.14
C ALA A 406 5.91 -14.26 -1.37
N LEU A 407 6.79 -15.08 -0.72
CA LEU A 407 6.48 -16.41 -0.21
C LEU A 407 6.73 -16.58 1.29
N GLY A 408 5.77 -17.26 1.91
CA GLY A 408 5.83 -17.85 3.23
C GLY A 408 5.60 -16.81 4.34
N MET A 409 5.88 -17.20 5.57
CA MET A 409 5.65 -16.37 6.75
C MET A 409 6.43 -15.06 6.71
N MET A 410 7.64 -15.04 6.13
CA MET A 410 8.47 -13.84 6.13
C MET A 410 8.41 -13.15 4.75
N GLN A 411 7.59 -13.69 3.84
CA GLN A 411 7.30 -13.03 2.56
C GLN A 411 8.56 -12.61 1.82
N PHE A 412 9.46 -13.60 1.58
CA PHE A 412 10.60 -13.39 0.73
C PHE A 412 10.23 -13.35 -0.76
N MET A 413 10.83 -12.42 -1.49
CA MET A 413 10.76 -12.39 -2.95
C MET A 413 11.66 -13.55 -3.44
N PRO A 414 11.24 -14.29 -4.49
CA PRO A 414 12.01 -15.42 -5.01
C PRO A 414 13.50 -15.14 -5.26
N PHE A 415 13.80 -13.95 -5.75
CA PHE A 415 15.14 -13.59 -6.15
C PHE A 415 16.07 -13.64 -4.94
N LEU A 416 15.61 -13.00 -3.84
CA LEU A 416 16.38 -12.98 -2.61
C LEU A 416 16.40 -14.38 -1.95
N ALA A 417 15.29 -15.10 -1.98
CA ALA A 417 15.23 -16.44 -1.45
C ALA A 417 16.31 -17.33 -2.09
N ASN A 418 16.41 -17.25 -3.42
CA ASN A 418 17.36 -18.07 -4.17
C ASN A 418 18.80 -17.62 -3.93
N HIS A 419 19.01 -16.31 -3.87
CA HIS A 419 20.32 -15.79 -3.53
C HIS A 419 20.80 -16.38 -2.20
N ILE A 420 19.96 -16.30 -1.16
CA ILE A 420 20.37 -16.78 0.15
C ILE A 420 20.51 -18.31 0.18
N GLY A 421 19.51 -19.05 -0.37
CA GLY A 421 19.40 -20.49 -0.20
C GLY A 421 20.45 -21.25 -1.05
N GLU A 422 20.79 -20.70 -2.22
CA GLU A 422 21.64 -21.35 -3.23
C GLU A 422 23.06 -20.77 -3.16
N LYS A 423 23.19 -19.46 -3.31
CA LYS A 423 24.51 -18.88 -3.35
C LYS A 423 25.13 -18.77 -1.96
N GLU A 424 24.40 -18.24 -0.96
CA GLU A 424 25.00 -17.94 0.32
C GLU A 424 25.04 -19.19 1.18
N LEU A 425 23.92 -19.89 1.35
CA LEU A 425 23.87 -20.97 2.33
C LEU A 425 24.15 -22.32 1.69
N LYS A 426 24.05 -22.38 0.37
CA LYS A 426 24.39 -23.58 -0.38
C LYS A 426 23.60 -24.79 0.12
N ILE A 427 22.30 -24.56 0.38
CA ILE A 427 21.44 -25.63 0.85
C ILE A 427 21.23 -26.61 -0.29
N PRO A 428 21.51 -27.94 -0.05
CA PRO A 428 21.41 -28.96 -1.09
C PRO A 428 19.94 -29.06 -1.55
N ASN A 429 19.75 -29.07 -2.89
CA ASN A 429 18.45 -29.23 -3.56
C ASN A 429 17.45 -28.10 -3.21
N PHE A 430 17.99 -26.92 -2.87
CA PHE A 430 17.18 -25.76 -2.50
C PHE A 430 16.21 -25.42 -3.63
N ASP A 431 14.98 -25.13 -3.24
CA ASP A 431 14.01 -24.56 -4.14
C ASP A 431 13.32 -23.42 -3.36
N GLN A 432 13.01 -22.33 -4.06
CA GLN A 432 12.32 -21.18 -3.46
C GLN A 432 11.06 -21.56 -2.66
N ASP A 433 10.41 -22.70 -2.95
CA ASP A 433 9.25 -23.14 -2.17
C ASP A 433 9.64 -23.56 -0.76
N PHE A 434 10.94 -23.75 -0.47
CA PHE A 434 11.33 -24.01 0.90
C PHE A 434 10.95 -22.84 1.83
N MET A 435 10.74 -21.64 1.27
CA MET A 435 10.31 -20.48 2.04
C MET A 435 8.96 -20.69 2.71
N PHE A 436 8.17 -21.70 2.27
CA PHE A 436 6.94 -22.08 2.93
C PHE A 436 7.16 -22.89 4.22
N LYS A 437 8.41 -23.36 4.46
CA LYS A 437 8.73 -24.10 5.67
C LYS A 437 9.09 -23.07 6.76
N PRO A 438 8.39 -23.10 7.92
CA PRO A 438 8.68 -22.12 8.98
C PRO A 438 10.14 -22.07 9.43
N GLU A 439 10.81 -23.24 9.51
CA GLU A 439 12.21 -23.24 9.94
C GLU A 439 13.05 -22.46 8.95
N ILE A 440 12.69 -22.56 7.66
CA ILE A 440 13.46 -21.87 6.64
C ILE A 440 13.14 -20.36 6.64
N ALA A 441 11.84 -20.05 6.74
CA ALA A 441 11.39 -18.66 6.78
C ALA A 441 12.11 -17.91 7.91
N TYR A 442 12.06 -18.43 9.14
CA TYR A 442 12.67 -17.75 10.29
C TYR A 442 14.20 -17.66 10.17
N TYR A 443 14.81 -18.71 9.64
CA TYR A 443 16.26 -18.74 9.49
C TYR A 443 16.70 -17.69 8.48
N PHE A 444 16.01 -17.65 7.34
CA PHE A 444 16.35 -16.65 6.33
C PHE A 444 16.02 -15.23 6.81
N GLY A 445 14.90 -15.10 7.49
CA GLY A 445 14.51 -13.81 8.05
C GLY A 445 15.58 -13.28 9.01
N ASN A 446 16.05 -14.16 9.91
CA ASN A 446 17.17 -13.80 10.79
C ASN A 446 18.41 -13.38 10.01
N TYR A 447 18.76 -14.17 8.96
CA TYR A 447 19.90 -13.86 8.12
C TYR A 447 19.80 -12.46 7.52
N HIS A 448 18.68 -12.15 6.86
CA HIS A 448 18.50 -10.86 6.22
C HIS A 448 18.41 -9.72 7.25
N LEU A 449 17.68 -9.95 8.35
CA LEU A 449 17.57 -8.91 9.39
C LEU A 449 18.93 -8.58 10.00
N ASN A 450 19.83 -9.57 10.13
CA ASN A 450 21.22 -9.30 10.50
C ASN A 450 21.92 -8.34 9.55
N TYR A 451 21.77 -8.58 8.25
CA TYR A 451 22.35 -7.69 7.27
C TYR A 451 21.81 -6.26 7.48
N LEU A 452 20.47 -6.13 7.56
CA LEU A 452 19.86 -4.80 7.58
C LEU A 452 20.19 -4.06 8.88
N GLU A 453 20.08 -4.75 10.01
CA GLU A 453 20.24 -4.11 11.31
C GLU A 453 21.68 -3.69 11.56
N SER A 454 22.63 -4.48 11.05
CA SER A 454 24.02 -4.08 11.13
C SER A 454 24.22 -2.71 10.44
N ARG A 455 23.48 -2.41 9.37
CA ARG A 455 23.64 -1.15 8.66
C ARG A 455 22.71 -0.05 9.15
N LEU A 456 21.54 -0.35 9.72
CA LEU A 456 20.52 0.68 9.96
C LEU A 456 20.18 0.87 11.45
N LYS A 457 20.31 -0.18 12.25
CA LYS A 457 20.24 -0.07 13.72
C LYS A 457 18.80 -0.08 14.27
N SER A 458 18.07 1.02 13.98
CA SER A 458 16.69 1.17 14.43
C SER A 458 15.79 0.11 13.80
N PRO A 459 14.89 -0.50 14.60
CA PRO A 459 13.91 -1.44 14.09
C PRO A 459 12.94 -0.79 13.10
N LEU A 460 12.73 0.53 13.21
CA LEU A 460 11.84 1.18 12.25
C LEU A 460 12.53 1.22 10.88
N PHE A 461 13.79 1.59 10.88
CA PHE A 461 14.55 1.71 9.65
C PHE A 461 14.72 0.34 9.00
N VAL A 462 14.97 -0.68 9.81
CA VAL A 462 15.07 -2.07 9.36
C VAL A 462 13.76 -2.50 8.70
N ALA A 463 12.61 -2.12 9.29
CA ALA A 463 11.31 -2.44 8.71
C ALA A 463 11.14 -1.76 7.34
N TYR A 464 11.45 -0.46 7.25
CA TYR A 464 11.37 0.22 5.96
C TYR A 464 12.18 -0.52 4.89
N ALA A 465 13.43 -0.86 5.22
CA ALA A 465 14.36 -1.59 4.34
C ALA A 465 13.90 -3.00 4.03
N TYR A 466 13.25 -3.69 4.98
CA TYR A 466 12.77 -5.04 4.73
C TYR A 466 11.72 -5.02 3.60
N ASN A 467 10.82 -4.02 3.67
CA ASN A 467 9.69 -3.93 2.76
C ASN A 467 10.11 -3.20 1.48
N GLY A 468 10.92 -2.17 1.59
CA GLY A 468 11.13 -1.28 0.47
C GLY A 468 12.52 -1.40 -0.17
N GLY A 469 13.45 -2.11 0.49
CA GLY A 469 14.85 -2.21 0.10
C GLY A 469 15.77 -1.22 0.84
N ILE A 470 17.03 -1.63 1.03
CA ILE A 470 18.02 -0.82 1.73
C ILE A 470 18.41 0.40 0.89
N GLY A 471 18.27 0.32 -0.46
CA GLY A 471 18.62 1.46 -1.31
C GLY A 471 17.71 2.66 -1.10
N PHE A 472 16.39 2.42 -1.16
CA PHE A 472 15.38 3.44 -0.87
C PHE A 472 15.57 4.02 0.53
N THR A 473 15.87 3.14 1.51
CA THR A 473 15.95 3.57 2.90
C THR A 473 17.17 4.46 3.08
N ASN A 474 18.33 4.02 2.53
CA ASN A 474 19.55 4.81 2.55
C ASN A 474 19.31 6.16 1.87
N ARG A 475 18.63 6.19 0.71
CA ARG A 475 18.42 7.47 0.03
C ARG A 475 17.54 8.40 0.87
N MET A 476 16.51 7.83 1.53
CA MET A 476 15.67 8.65 2.40
C MET A 476 16.50 9.24 3.54
N LEU A 477 17.32 8.40 4.21
CA LEU A 477 18.09 8.82 5.37
C LEU A 477 19.24 9.76 4.96
N ALA A 478 19.63 9.80 3.67
CA ALA A 478 20.66 10.73 3.24
C ALA A 478 20.12 12.14 3.09
N ARG A 479 18.78 12.31 3.01
CA ARG A 479 18.21 13.64 2.81
C ARG A 479 18.34 14.49 4.09
N ASN A 480 18.50 15.81 3.87
CA ASN A 480 18.62 16.80 4.93
C ASN A 480 17.31 16.98 5.70
N ASP A 481 16.17 16.63 5.10
CA ASP A 481 14.87 16.95 5.64
C ASP A 481 14.18 15.72 6.23
N MET A 482 14.87 14.56 6.36
CA MET A 482 14.26 13.33 6.88
C MET A 482 15.04 12.77 8.06
N PHE A 483 14.31 12.57 9.17
CA PHE A 483 14.84 11.94 10.38
C PHE A 483 16.03 12.69 10.97
N LYS A 484 15.94 14.01 10.86
CA LYS A 484 16.87 14.96 11.48
C LYS A 484 16.15 15.59 12.68
N THR A 485 16.83 16.51 13.38
CA THR A 485 16.24 17.17 14.54
C THR A 485 15.21 18.18 14.08
N GLY A 486 14.17 18.41 14.89
CA GLY A 486 13.11 19.32 14.53
C GLY A 486 11.99 19.22 15.54
N LYS A 487 11.17 20.26 15.56
CA LYS A 487 10.08 20.49 16.48
C LYS A 487 9.15 19.26 16.56
N PHE A 488 8.81 18.73 15.37
CA PHE A 488 7.82 17.65 15.26
C PHE A 488 8.42 16.30 14.85
N GLU A 489 9.75 16.16 15.02
CA GLU A 489 10.47 14.96 14.65
C GLU A 489 10.48 13.96 15.79
N PRO A 490 10.57 12.63 15.53
CA PRO A 490 10.67 12.05 14.17
C PRO A 490 9.29 11.79 13.55
N PHE A 491 8.22 12.22 14.20
CA PHE A 491 6.87 11.87 13.74
C PHE A 491 6.60 12.45 12.33
N LEU A 492 7.04 13.68 12.06
CA LEU A 492 6.79 14.31 10.77
C LEU A 492 7.42 13.47 9.66
N SER A 493 8.69 13.09 9.82
CA SER A 493 9.43 12.25 8.88
C SER A 493 8.70 10.96 8.58
N MET A 494 8.11 10.36 9.62
CA MET A 494 7.35 9.14 9.42
C MET A 494 6.11 9.31 8.53
N GLU A 495 5.57 10.55 8.45
CA GLU A 495 4.46 10.87 7.59
C GLU A 495 4.92 11.13 6.13
N LEU A 496 6.20 11.35 5.90
CA LEU A 496 6.74 11.79 4.60
C LEU A 496 7.61 10.72 3.95
N VAL A 497 7.58 9.47 4.45
CA VAL A 497 8.30 8.36 3.88
C VAL A 497 7.71 8.16 2.49
N PRO A 498 8.52 8.28 1.42
CA PRO A 498 7.91 8.54 0.10
C PRO A 498 7.16 7.39 -0.56
N TYR A 499 7.20 6.14 -0.05
CA TYR A 499 6.40 5.04 -0.60
C TYR A 499 5.35 4.62 0.40
N GLN A 500 4.09 4.64 -0.01
CA GLN A 500 2.95 4.48 0.85
C GLN A 500 2.98 3.13 1.55
N GLU A 501 3.27 2.05 0.81
CA GLU A 501 3.32 0.72 1.40
C GLU A 501 4.35 0.64 2.55
N SER A 502 5.53 1.25 2.34
CA SER A 502 6.61 1.27 3.33
C SER A 502 6.28 2.19 4.51
N ARG A 503 5.63 3.33 4.26
CA ARG A 503 5.21 4.27 5.30
C ARG A 503 4.30 3.60 6.32
N ILE A 504 3.29 2.91 5.79
CA ILE A 504 2.31 2.16 6.55
C ILE A 504 3.00 1.00 7.27
N TYR A 505 3.83 0.25 6.53
CA TYR A 505 4.45 -0.95 7.03
C TYR A 505 5.29 -0.67 8.27
N GLY A 506 6.09 0.38 8.22
CA GLY A 506 6.99 0.68 9.32
C GLY A 506 6.22 0.95 10.63
N LYS A 507 5.13 1.70 10.53
CA LYS A 507 4.30 2.02 11.69
C LYS A 507 3.70 0.73 12.29
N LYS A 508 3.17 -0.19 11.44
CA LYS A 508 2.59 -1.43 11.91
C LYS A 508 3.65 -2.33 12.52
N VAL A 509 4.80 -2.50 11.83
CA VAL A 509 5.82 -3.38 12.36
C VAL A 509 6.40 -2.83 13.67
N LEU A 510 6.55 -1.51 13.80
CA LEU A 510 7.06 -0.94 15.06
C LEU A 510 6.14 -1.26 16.24
N ALA A 511 4.81 -1.08 16.06
CA ALA A 511 3.84 -1.44 17.07
C ALA A 511 4.01 -2.92 17.44
N ASN A 512 4.10 -3.80 16.46
CA ASN A 512 4.22 -5.23 16.74
C ASN A 512 5.48 -5.54 17.55
N TYR A 513 6.58 -4.90 17.19
CA TYR A 513 7.87 -5.04 17.85
C TYR A 513 7.73 -4.68 19.34
N ILE A 514 7.13 -3.53 19.63
CA ILE A 514 6.91 -3.11 21.02
C ILE A 514 6.13 -4.18 21.79
N VAL A 515 5.05 -4.67 21.20
CA VAL A 515 4.23 -5.70 21.81
C VAL A 515 5.05 -6.97 22.08
N TYR A 516 5.76 -7.51 21.08
CA TYR A 516 6.45 -8.78 21.26
C TYR A 516 7.60 -8.62 22.29
N ARG A 517 8.26 -7.46 22.31
CA ARG A 517 9.31 -7.20 23.29
C ARG A 517 8.67 -7.29 24.68
N HIS A 518 7.46 -6.74 24.81
CA HIS A 518 6.76 -6.78 26.08
C HIS A 518 6.38 -8.20 26.47
N LEU A 519 5.84 -8.96 25.51
CA LEU A 519 5.46 -10.35 25.75
C LEU A 519 6.67 -11.20 26.09
N LEU A 520 7.85 -10.89 25.61
CA LEU A 520 9.02 -11.74 25.86
C LEU A 520 9.75 -11.32 27.15
N ASN A 521 9.15 -10.41 27.92
CA ASN A 521 9.79 -9.92 29.15
C ASN A 521 11.05 -9.18 28.82
N ASP A 522 10.99 -8.37 27.74
CA ASP A 522 12.14 -7.62 27.32
C ASP A 522 11.66 -6.22 26.89
N SER A 523 10.80 -5.62 27.71
CA SER A 523 10.11 -4.37 27.40
C SER A 523 11.09 -3.27 27.05
N ILE A 524 10.70 -2.44 26.08
CA ILE A 524 11.34 -1.18 25.85
C ILE A 524 10.26 -0.09 25.75
N LYS A 525 10.60 1.10 26.22
CA LYS A 525 9.74 2.26 26.06
C LYS A 525 9.78 2.72 24.60
N ILE A 526 8.59 3.00 24.03
CA ILE A 526 8.54 3.41 22.63
C ILE A 526 9.14 4.81 22.51
N SER A 527 9.15 5.58 23.59
CA SER A 527 9.83 6.86 23.63
C SER A 527 11.33 6.73 23.38
N ASP A 528 11.97 5.64 23.83
CA ASP A 528 13.38 5.42 23.53
C ASP A 528 13.58 5.10 22.03
N ILE A 529 12.62 4.41 21.42
CA ILE A 529 12.72 4.13 19.98
C ILE A 529 12.65 5.45 19.22
N PHE A 530 11.72 6.33 19.62
CA PHE A 530 11.55 7.59 18.94
C PHE A 530 12.79 8.47 19.09
N GLU A 531 13.37 8.55 20.29
CA GLU A 531 14.58 9.34 20.47
C GLU A 531 15.72 8.87 19.57
N ASN A 532 15.89 7.54 19.43
CA ASN A 532 16.94 6.95 18.60
C ASN A 532 16.68 7.12 17.09
N LEU A 533 15.55 7.69 16.65
CA LEU A 533 15.34 7.92 15.22
C LEU A 533 15.97 9.22 14.75
N ILE A 534 16.36 10.13 15.64
CA ILE A 534 16.67 11.47 15.17
C ILE A 534 18.07 11.58 14.51
C1 UL6 B . 0.17 -12.48 2.00
C2 UL6 B . 0.47 -11.08 1.60
O1 UL6 B . -0.04 -10.58 0.61
N1 UL6 B . 1.30 -10.36 2.39
C3 UL6 B . 1.63 -8.96 2.27
C4 UL6 B . 3.14 -8.77 2.21
O2 UL6 B . 3.74 -9.48 1.11
C5 UL6 B . 3.50 -7.27 2.19
O3 UL6 B . 4.90 -7.08 2.27
C6 UL6 B . 2.85 -6.53 3.36
C7 UL6 B . 3.07 -5.05 3.29
O4 UL6 B . 2.49 -4.38 4.40
O5 UL6 B . 1.43 -6.71 3.26
C8 UL6 B . 1.05 -8.08 3.42
O6 UL6 B . -0.34 -8.14 3.44
C9 UL6 B . -0.96 -7.75 4.74
C10 UL6 B . -1.72 -8.91 5.34
C11 UL6 B . -1.57 -9.16 6.80
O7 UL6 B . -2.49 -10.16 7.23
C12 UL6 B . -2.34 -11.39 6.49
C13 UL6 B . -2.30 -11.20 5.01
O8 UL6 B . -1.39 -10.14 4.67
C1 CIT C . -11.09 -15.14 22.14
O1 CIT C . -9.95 -14.59 21.99
O2 CIT C . -12.08 -14.95 21.39
C2 CIT C . -11.29 -16.06 23.33
C3 CIT C . -10.06 -16.87 23.80
O7 CIT C . -8.90 -16.05 23.81
C4 CIT C . -9.84 -18.02 22.81
C5 CIT C . -8.80 -19.08 23.20
O3 CIT C . -8.09 -18.90 24.21
O4 CIT C . -8.70 -20.08 22.44
C6 CIT C . -10.36 -17.40 25.25
O5 CIT C . -9.90 -16.81 26.28
O6 CIT C . -11.11 -18.41 25.28
S DMS D . 11.82 -9.86 1.62
O DMS D . 12.24 -10.36 0.20
C1 DMS D . 13.19 -8.85 2.17
C2 DMS D . 10.76 -8.50 1.22
S DMS E . -2.99 8.07 6.48
O DMS E . -4.09 7.09 6.36
C1 DMS E . -3.79 9.53 5.92
C2 DMS E . -2.87 8.38 8.24
S DMS F . -16.16 16.85 3.07
O DMS F . -16.53 16.68 4.61
C1 DMS F . -16.00 15.27 2.25
C2 DMS F . -17.60 17.59 2.23
#